data_6HT6
#
_entry.id   6HT6
#
_cell.length_a   58.999
_cell.length_b   93.128
_cell.length_c   95.548
_cell.angle_alpha   90.00
_cell.angle_beta   90.00
_cell.angle_gamma   90.00
#
_symmetry.space_group_name_H-M   'P 21 21 21'
#
loop_
_entity.id
_entity.type
_entity.pdbx_description
1 polymer 'Glutathione S-transferase omega 2S'
2 non-polymer [2,4-bis(oxidanyl)phenyl]-phenyl-methanone
3 non-polymer 'MAGNESIUM ION'
4 water water
#
_entity_poly.entity_id   1
_entity_poly.type   'polypeptide(L)'
_entity_poly.pdbx_seq_one_letter_code
;MPCTEQITLYTTTFSPYGHRAHIALEEAGAEYTLCQINVHRDKPEWYKRVNPLGKVPAITFGGPQVPPDEPSPESEKLVE
SLALLEFVADVFPEAKLLPASPVQRARARAFIAIYQNYLHDQFRDAFFRGEPVGPFLQALETLQSALPPAGFAVGEWSLA
EAAVAPFLARMMLYLDAGLGKYSEADGETMRAALASERFARISQYVRDIRARASFVKSWGGDDVQLEAAKAIPMLRRPAH
HHHHH
;
_entity_poly.pdbx_strand_id   A,B
#
# COMPACT_ATOMS: atom_id res chain seq x y z
N CYS A 3 -24.26 10.58 0.42
CA CYS A 3 -24.50 9.20 0.88
C CYS A 3 -25.51 9.02 2.04
N THR A 4 -26.33 7.97 1.91
CA THR A 4 -27.33 7.58 2.90
C THR A 4 -27.07 6.23 3.56
N GLU A 5 -26.21 5.38 3.00
CA GLU A 5 -25.96 4.10 3.64
C GLU A 5 -25.42 4.32 5.05
N GLN A 6 -25.68 3.37 5.93
CA GLN A 6 -25.16 3.41 7.29
C GLN A 6 -23.69 3.05 7.25
N ILE A 7 -22.90 3.75 8.07
CA ILE A 7 -21.48 3.47 8.20
C ILE A 7 -21.17 3.19 9.65
N THR A 8 -20.53 2.06 9.92
CA THR A 8 -20.06 1.76 11.26
C THR A 8 -18.60 1.38 11.17
N LEU A 9 -17.78 2.05 11.98
CA LEU A 9 -16.37 1.79 12.04
C LEU A 9 -16.08 1.07 13.34
N TYR A 10 -15.38 -0.04 13.20
CA TYR A 10 -14.97 -0.85 14.32
C TYR A 10 -13.48 -0.63 14.53
N THR A 11 -13.09 -0.38 15.77
CA THR A 11 -11.69 -0.25 16.11
C THR A 11 -11.55 -0.72 17.54
N THR A 12 -10.33 -1.14 17.88
CA THR A 12 -9.95 -1.18 19.28
C THR A 12 -9.67 0.24 19.74
N THR A 13 -9.76 0.43 21.05
CA THR A 13 -9.94 1.77 21.61
C THR A 13 -8.84 2.74 21.16
N PHE A 14 -7.59 2.30 21.18
CA PHE A 14 -6.48 3.17 20.88
C PHE A 14 -5.67 2.63 19.71
N SER A 15 -6.37 2.14 18.71
CA SER A 15 -5.74 1.66 17.51
C SER A 15 -5.38 2.80 16.56
N PRO A 16 -4.12 2.88 16.09
CA PRO A 16 -3.81 3.90 15.09
C PRO A 16 -4.38 3.56 13.72
N TYR A 17 -4.52 2.26 13.42
CA TYR A 17 -5.09 1.85 12.15
C TYR A 17 -6.55 2.26 12.09
N GLY A 18 -7.29 2.00 13.14
CA GLY A 18 -8.64 2.51 13.23
C GLY A 18 -8.67 4.00 13.29
N HIS A 19 -7.65 4.62 13.89
CA HIS A 19 -7.58 6.08 13.92
C HIS A 19 -7.52 6.65 12.50
N ARG A 20 -6.83 5.95 11.61
CA ARG A 20 -6.82 6.32 10.21
C ARG A 20 -8.23 6.49 9.69
N ALA A 21 -9.04 5.44 9.86
CA ALA A 21 -10.36 5.46 9.26
C ALA A 21 -11.23 6.46 9.99
N HIS A 22 -10.98 6.64 11.28
CA HIS A 22 -11.72 7.63 12.06
C HIS A 22 -11.46 9.04 11.54
N ILE A 23 -10.19 9.35 11.24
CA ILE A 23 -9.86 10.67 10.74
C ILE A 23 -10.57 10.94 9.43
N ALA A 24 -10.60 9.95 8.55
CA ALA A 24 -11.14 10.14 7.22
C ALA A 24 -12.65 10.30 7.26
N LEU A 25 -13.33 9.59 8.15
CA LEU A 25 -14.77 9.75 8.23
C LEU A 25 -15.14 11.13 8.76
N GLU A 26 -14.36 11.66 9.70
CA GLU A 26 -14.55 13.03 10.20
C GLU A 26 -14.31 14.05 9.08
N GLU A 27 -13.18 13.95 8.40
CA GLU A 27 -12.96 14.87 7.27
C GLU A 27 -14.09 14.79 6.26
N ALA A 28 -14.72 13.63 6.11
CA ALA A 28 -15.75 13.45 5.09
C ALA A 28 -17.10 14.00 5.49
N GLY A 29 -17.27 14.42 6.75
CA GLY A 29 -18.59 14.72 7.26
C GLY A 29 -19.54 13.56 7.32
N ALA A 30 -19.04 12.34 7.39
CA ALA A 30 -19.92 11.19 7.29
C ALA A 30 -20.74 11.07 8.57
N GLU A 31 -21.98 10.61 8.42
CA GLU A 31 -22.76 10.10 9.55
C GLU A 31 -22.40 8.64 9.74
N TYR A 32 -21.75 8.34 10.85
CA TYR A 32 -21.26 7.00 11.10
C TYR A 32 -21.31 6.70 12.59
N THR A 33 -21.39 5.40 12.86
CA THR A 33 -21.25 4.88 14.19
C THR A 33 -19.82 4.45 14.44
N LEU A 34 -19.36 4.70 15.66
CA LEU A 34 -18.03 4.31 16.10
C LEU A 34 -18.24 3.27 17.19
N CYS A 35 -17.51 2.17 17.08
CA CYS A 35 -17.62 1.08 18.03
C CYS A 35 -16.19 0.75 18.38
N GLN A 36 -15.79 1.05 19.62
CA GLN A 36 -14.51 0.69 20.18
C GLN A 36 -14.69 -0.53 21.07
N ILE A 37 -13.61 -1.30 21.25
CA ILE A 37 -13.68 -2.49 22.07
C ILE A 37 -12.63 -2.51 23.21
N LYS A 43 -11.70 -9.49 22.82
CA LYS A 43 -12.62 -9.27 21.70
C LYS A 43 -13.94 -9.98 21.86
N PRO A 44 -15.06 -9.24 21.81
CA PRO A 44 -16.36 -9.86 22.02
C PRO A 44 -16.65 -10.96 20.99
N GLU A 45 -17.45 -11.92 21.45
CA GLU A 45 -17.86 -13.03 20.58
C GLU A 45 -18.54 -12.51 19.32
N TRP A 46 -19.40 -11.49 19.44
CA TRP A 46 -20.17 -11.02 18.29
C TRP A 46 -19.30 -10.50 17.15
N TYR A 47 -18.06 -10.13 17.41
CA TYR A 47 -17.28 -9.44 16.39
C TYR A 47 -17.00 -10.31 15.17
N LYS A 48 -17.04 -11.63 15.32
CA LYS A 48 -16.80 -12.48 14.17
C LYS A 48 -17.87 -12.31 13.08
N ARG A 49 -19.02 -11.71 13.41
CA ARG A 49 -20.01 -11.32 12.39
C ARG A 49 -19.57 -10.08 11.61
N VAL A 50 -18.71 -9.22 12.18
CA VAL A 50 -18.09 -8.13 11.41
C VAL A 50 -16.99 -8.69 10.53
N ASN A 51 -16.15 -9.53 11.10
CA ASN A 51 -15.04 -10.07 10.34
C ASN A 51 -14.61 -11.41 10.95
N PRO A 52 -14.78 -12.51 10.23
CA PRO A 52 -14.45 -13.82 10.80
C PRO A 52 -13.05 -13.97 11.35
N LEU A 53 -12.09 -13.24 10.83
CA LEU A 53 -10.71 -13.37 11.28
C LEU A 53 -10.41 -12.47 12.46
N GLY A 54 -11.39 -11.71 12.93
CA GLY A 54 -11.17 -10.75 14.01
C GLY A 54 -10.33 -9.57 13.61
N LYS A 55 -10.26 -9.30 12.31
CA LYS A 55 -9.45 -8.22 11.80
C LYS A 55 -10.06 -6.88 12.18
N VAL A 56 -9.20 -5.96 12.57
CA VAL A 56 -9.65 -4.66 12.94
C VAL A 56 -8.54 -3.68 12.57
N PRO A 57 -8.90 -2.48 12.07
CA PRO A 57 -10.25 -1.91 11.96
C PRO A 57 -11.13 -2.58 10.89
N ALA A 58 -12.42 -2.28 10.95
CA ALA A 58 -13.35 -2.78 9.95
C ALA A 58 -14.45 -1.76 9.80
N ILE A 59 -15.07 -1.73 8.63
CA ILE A 59 -16.21 -0.88 8.37
C ILE A 59 -17.36 -1.79 7.92
N THR A 60 -18.52 -1.58 8.51
CA THR A 60 -19.71 -2.10 7.87
C THR A 60 -20.36 -0.95 7.15
N PHE A 61 -21.00 -1.29 6.04
CA PHE A 61 -21.51 -0.30 5.09
C PHE A 61 -22.80 -0.83 4.53
N GLY A 62 -23.85 -0.02 4.60
CA GLY A 62 -25.18 -0.42 4.17
C GLY A 62 -25.85 -1.36 5.15
N GLY A 63 -26.98 -1.89 4.67
CA GLY A 63 -27.87 -2.65 5.48
C GLY A 63 -28.74 -1.79 6.37
N PRO A 64 -29.56 -2.43 7.19
CA PRO A 64 -30.40 -1.67 8.10
C PRO A 64 -29.54 -0.99 9.16
N GLN A 65 -30.08 0.09 9.74
CA GLN A 65 -29.50 0.65 10.96
C GLN A 65 -29.53 -0.38 12.09
N VAL A 66 -28.37 -0.64 12.68
CA VAL A 66 -28.26 -1.62 13.76
C VAL A 66 -27.25 -1.14 14.77
N PRO A 67 -27.40 -1.54 16.02
CA PRO A 67 -26.35 -1.26 16.99
C PRO A 67 -25.09 -2.00 16.59
N PRO A 68 -23.92 -1.39 16.76
CA PRO A 68 -22.70 -2.02 16.22
C PRO A 68 -22.47 -3.43 16.71
N ASP A 69 -22.81 -3.74 17.96
CA ASP A 69 -22.64 -5.13 18.43
C ASP A 69 -23.74 -6.12 17.81
N GLU A 70 -24.59 -5.66 16.89
CA GLU A 70 -25.55 -6.53 16.19
C GLU A 70 -25.43 -6.24 14.70
N PRO A 71 -24.25 -6.45 14.13
CA PRO A 71 -24.06 -6.19 12.69
C PRO A 71 -25.02 -7.00 11.84
N SER A 72 -25.56 -6.36 10.82
CA SER A 72 -26.53 -7.00 9.94
C SER A 72 -25.82 -7.95 8.98
N PRO A 73 -26.45 -9.06 8.63
CA PRO A 73 -25.90 -9.87 7.53
C PRO A 73 -25.89 -9.15 6.19
N GLU A 74 -26.68 -8.07 6.03
CA GLU A 74 -26.75 -7.36 4.75
C GLU A 74 -25.57 -6.45 4.51
N SER A 75 -24.93 -5.97 5.57
CA SER A 75 -24.01 -4.89 5.38
C SER A 75 -22.73 -5.46 4.79
N GLU A 76 -22.07 -4.63 3.99
CA GLU A 76 -20.77 -4.96 3.46
C GLU A 76 -19.72 -4.74 4.51
N LYS A 77 -18.83 -5.71 4.66
CA LYS A 77 -17.76 -5.64 5.65
C LYS A 77 -16.47 -5.45 4.88
N LEU A 78 -15.65 -4.51 5.37
CA LEU A 78 -14.45 -4.09 4.69
C LEU A 78 -13.37 -3.91 5.73
N VAL A 79 -12.15 -4.28 5.36
CA VAL A 79 -11.01 -4.25 6.24
C VAL A 79 -9.82 -3.71 5.45
N GLU A 80 -8.67 -3.59 6.15
CA GLU A 80 -7.44 -3.03 5.62
C GLU A 80 -7.45 -1.50 5.64
N SER A 81 -6.72 -0.89 6.58
CA SER A 81 -6.95 0.54 6.87
C SER A 81 -6.82 1.39 5.62
N LEU A 82 -5.81 1.15 4.80
CA LEU A 82 -5.64 2.00 3.63
C LEU A 82 -6.73 1.79 2.58
N ALA A 83 -7.31 0.61 2.49
CA ALA A 83 -8.48 0.50 1.62
C ALA A 83 -9.67 1.19 2.24
N LEU A 84 -9.74 1.20 3.56
CA LEU A 84 -10.81 1.93 4.22
C LEU A 84 -10.68 3.42 3.98
N LEU A 85 -9.45 3.95 3.95
CA LEU A 85 -9.28 5.37 3.65
C LEU A 85 -9.78 5.71 2.27
N GLU A 86 -9.28 4.97 1.27
CA GLU A 86 -9.66 5.14 -0.12
C GLU A 86 -11.16 4.96 -0.27
N PHE A 87 -11.73 4.03 0.51
CA PHE A 87 -13.15 3.76 0.49
C PHE A 87 -13.98 4.99 0.87
N VAL A 88 -13.66 5.60 2.02
CA VAL A 88 -14.38 6.80 2.44
C VAL A 88 -14.31 7.84 1.35
N ALA A 89 -13.12 8.02 0.80
CA ALA A 89 -12.92 8.96 -0.29
C ALA A 89 -13.84 8.62 -1.47
N ASP A 90 -13.95 7.34 -1.82
CA ASP A 90 -14.80 6.97 -2.95
C ASP A 90 -16.26 7.23 -2.65
N VAL A 91 -16.68 7.00 -1.40
CA VAL A 91 -18.07 7.23 -1.01
C VAL A 91 -18.41 8.72 -0.91
N PHE A 92 -17.45 9.55 -0.51
CA PHE A 92 -17.67 10.97 -0.32
C PHE A 92 -16.75 11.77 -1.23
N PRO A 93 -16.91 11.64 -2.56
CA PRO A 93 -16.01 12.39 -3.44
C PRO A 93 -16.04 13.88 -3.16
N GLU A 94 -17.16 14.37 -2.64
CA GLU A 94 -17.35 15.80 -2.41
C GLU A 94 -16.52 16.30 -1.25
N ALA A 95 -16.06 15.41 -0.38
CA ALA A 95 -15.17 15.82 0.68
C ALA A 95 -13.73 15.97 0.24
N LYS A 96 -13.39 15.60 -1.01
CA LYS A 96 -12.05 15.83 -1.56
C LYS A 96 -11.00 15.33 -0.57
N LEU A 97 -11.20 14.09 -0.09
CA LEU A 97 -10.26 13.48 0.85
C LEU A 97 -8.93 13.25 0.20
N LEU A 98 -8.94 13.22 -1.10
CA LEU A 98 -7.76 13.30 -1.93
C LEU A 98 -7.88 14.53 -2.82
N PRO A 99 -6.78 15.04 -3.35
CA PRO A 99 -6.94 16.12 -4.32
C PRO A 99 -7.56 15.62 -5.60
N ALA A 100 -7.80 16.55 -6.51
CA ALA A 100 -8.66 16.31 -7.67
C ALA A 100 -7.90 15.76 -8.85
N SER A 101 -6.67 16.27 -9.10
CA SER A 101 -5.91 15.86 -10.28
C SER A 101 -5.22 14.52 -10.05
N PRO A 102 -5.06 13.72 -11.10
CA PRO A 102 -4.35 12.45 -10.97
C PRO A 102 -2.93 12.57 -10.46
N VAL A 103 -2.21 13.60 -10.88
CA VAL A 103 -0.84 13.75 -10.41
C VAL A 103 -0.82 13.98 -8.92
N GLN A 104 -1.69 14.88 -8.45
CA GLN A 104 -1.69 15.19 -7.02
C GLN A 104 -2.18 14.00 -6.20
N ARG A 105 -3.17 13.29 -6.69
CA ARG A 105 -3.60 12.07 -6.00
C ARG A 105 -2.47 11.04 -5.95
N ALA A 106 -1.68 10.96 -7.02
CA ALA A 106 -0.57 10.01 -7.03
C ALA A 106 0.50 10.37 -5.99
N ARG A 107 0.75 11.68 -5.78
CA ARG A 107 1.75 12.09 -4.78
C ARG A 107 1.20 11.87 -3.37
N ALA A 108 -0.10 12.09 -3.16
CA ALA A 108 -0.64 11.75 -1.85
C ALA A 108 -0.43 10.27 -1.58
N ARG A 109 -0.67 9.42 -2.58
CA ARG A 109 -0.53 7.98 -2.40
C ARG A 109 0.95 7.61 -2.30
N ALA A 110 1.79 8.22 -3.13
CA ALA A 110 3.23 8.00 -2.99
C ALA A 110 3.71 8.31 -1.58
N PHE A 111 3.17 9.38 -0.98
CA PHE A 111 3.60 9.77 0.36
C PHE A 111 3.26 8.70 1.37
N ILE A 112 2.08 8.11 1.26
CA ILE A 112 1.74 6.99 2.14
C ILE A 112 2.71 5.85 1.92
N ALA A 113 3.09 5.60 0.67
CA ALA A 113 4.03 4.50 0.42
C ALA A 113 5.37 4.78 1.07
N ILE A 114 5.78 6.03 1.06
CA ILE A 114 7.03 6.37 1.74
C ILE A 114 6.92 6.02 3.21
N TYR A 115 5.76 6.34 3.83
CA TYR A 115 5.59 6.01 5.23
C TYR A 115 5.61 4.51 5.45
N GLN A 116 4.83 3.79 4.63
CA GLN A 116 4.69 2.34 4.80
C GLN A 116 6.02 1.62 4.55
N ASN A 117 6.74 2.02 3.48
CA ASN A 117 7.91 1.29 3.01
C ASN A 117 9.18 1.64 3.75
N TYR A 118 9.25 2.78 4.38
CA TYR A 118 10.53 3.16 4.93
C TYR A 118 10.42 3.45 6.42
N LEU A 119 9.35 4.11 6.86
CA LEU A 119 9.29 4.53 8.26
C LEU A 119 8.47 3.61 9.12
N HIS A 120 7.36 3.08 8.60
CA HIS A 120 6.43 2.36 9.48
C HIS A 120 7.11 1.23 10.23
N ASP A 121 7.91 0.43 9.54
CA ASP A 121 8.51 -0.73 10.18
C ASP A 121 9.59 -0.30 11.16
N GLN A 122 10.30 0.75 10.81
CA GLN A 122 11.37 1.21 11.67
C GLN A 122 10.85 1.88 12.93
N PHE A 123 9.73 2.60 12.84
CA PHE A 123 9.05 3.04 14.05
C PHE A 123 8.86 1.87 15.00
N ARG A 124 8.56 0.69 14.45
CA ARG A 124 8.29 -0.46 15.30
C ARG A 124 9.57 -1.08 15.84
N ASP A 125 10.61 -1.20 15.02
CA ASP A 125 11.88 -1.69 15.52
C ASP A 125 12.34 -0.76 16.70
N ALA A 126 12.30 0.57 16.52
CA ALA A 126 12.91 1.44 17.53
C ALA A 126 12.06 1.54 18.78
N PHE A 127 10.75 1.63 18.64
CA PHE A 127 9.89 1.88 19.80
C PHE A 127 9.31 0.62 20.43
N PHE A 128 9.30 -0.53 19.73
CA PHE A 128 8.67 -1.74 20.24
C PHE A 128 9.60 -2.90 20.34
N ARG A 129 10.68 -2.90 19.58
CA ARG A 129 11.64 -3.99 19.62
C ARG A 129 12.97 -3.52 20.20
N GLY A 130 13.02 -2.28 20.68
CA GLY A 130 14.23 -1.73 21.23
C GLY A 130 15.41 -1.92 20.30
N GLU A 131 15.17 -1.88 19.00
CA GLU A 131 16.26 -2.09 18.08
C GLU A 131 17.02 -0.79 17.89
N PRO A 132 18.20 -0.86 17.27
CA PRO A 132 18.99 0.35 16.96
C PRO A 132 18.16 1.46 16.30
N VAL A 133 18.32 2.67 16.82
CA VAL A 133 17.47 3.79 16.43
C VAL A 133 17.90 4.50 15.15
N GLY A 134 19.12 4.29 14.67
CA GLY A 134 19.61 5.02 13.54
C GLY A 134 18.66 5.00 12.34
N PRO A 135 18.25 3.79 11.91
CA PRO A 135 17.42 3.70 10.70
C PRO A 135 16.06 4.40 10.79
N PHE A 136 15.44 4.39 11.97
CA PHE A 136 14.22 5.15 12.19
C PHE A 136 14.39 6.64 11.83
N LEU A 137 15.42 7.29 12.39
CA LEU A 137 15.65 8.71 12.13
C LEU A 137 15.85 8.99 10.65
N GLN A 138 16.50 8.08 9.91
CA GLN A 138 16.69 8.31 8.47
C GLN A 138 15.38 8.23 7.72
N ALA A 139 14.51 7.30 8.09
CA ALA A 139 13.22 7.19 7.43
C ALA A 139 12.33 8.35 7.83
N LEU A 140 12.45 8.80 9.08
CA LEU A 140 11.70 9.97 9.44
C LEU A 140 12.16 11.14 8.56
N GLU A 141 13.47 11.29 8.37
CA GLU A 141 13.97 12.35 7.49
C GLU A 141 13.45 12.11 6.08
N THR A 142 13.43 10.85 5.65
CA THR A 142 13.01 10.57 4.28
C THR A 142 11.56 10.95 4.05
N LEU A 143 10.67 10.55 4.96
CA LEU A 143 9.30 11.02 4.88
C LEU A 143 9.23 12.54 4.95
N GLN A 144 10.01 13.13 5.84
CA GLN A 144 9.99 14.57 5.96
C GLN A 144 10.34 15.23 4.65
N SER A 145 11.29 14.66 3.92
CA SER A 145 11.76 15.27 2.68
C SER A 145 10.69 15.28 1.60
N ALA A 146 9.68 14.40 1.66
CA ALA A 146 8.60 14.35 0.68
C ALA A 146 7.47 15.34 0.96
N LEU A 147 7.54 16.10 2.04
CA LEU A 147 6.56 17.12 2.40
C LEU A 147 6.88 18.40 1.63
N PRO A 148 5.90 19.20 1.26
CA PRO A 148 6.22 20.54 0.80
C PRO A 148 6.68 21.38 1.97
N PRO A 149 7.31 22.52 1.72
CA PRO A 149 7.86 23.31 2.82
C PRO A 149 6.81 23.74 3.81
N ALA A 150 5.58 23.92 3.34
CA ALA A 150 4.46 24.22 4.21
C ALA A 150 3.29 23.31 3.86
N GLY A 151 2.23 23.42 4.65
CA GLY A 151 1.00 22.69 4.38
C GLY A 151 1.23 21.23 4.66
N PHE A 152 0.38 20.41 4.04
CA PHE A 152 0.39 18.96 4.20
C PHE A 152 1.04 18.30 2.97
N ALA A 153 0.97 16.96 2.91
CA ALA A 153 1.79 16.18 1.98
C ALA A 153 1.56 16.61 0.54
N VAL A 154 0.32 16.89 0.14
CA VAL A 154 0.05 17.38 -1.21
C VAL A 154 -0.61 18.75 -1.14
N GLY A 155 -0.25 19.56 -0.14
CA GLY A 155 -0.85 20.85 0.01
C GLY A 155 -2.01 20.79 0.97
N GLU A 156 -3.24 20.65 0.48
CA GLU A 156 -4.34 20.48 1.40
C GLU A 156 -4.29 19.09 2.05
N TRP A 157 -4.91 19.02 3.22
CA TRP A 157 -5.15 17.77 3.91
C TRP A 157 -5.72 16.70 2.98
N SER A 158 -5.28 15.47 3.21
CA SER A 158 -5.58 14.39 2.30
C SER A 158 -5.51 13.09 3.07
N LEU A 159 -5.71 12.00 2.36
CA LEU A 159 -5.59 10.69 2.97
C LEU A 159 -4.16 10.44 3.46
N ALA A 160 -3.18 11.07 2.84
CA ALA A 160 -1.84 11.01 3.40
C ALA A 160 -1.89 11.31 4.90
N GLU A 161 -2.58 12.39 5.28
CA GLU A 161 -2.61 12.75 6.69
C GLU A 161 -3.43 11.75 7.51
N ALA A 162 -4.62 11.39 7.02
CA ALA A 162 -5.38 10.34 7.70
C ALA A 162 -4.53 9.09 7.92
N ALA A 163 -3.71 8.74 6.92
CA ALA A 163 -2.89 7.55 6.97
C ALA A 163 -1.76 7.66 7.98
N VAL A 164 -1.05 8.82 8.02
CA VAL A 164 0.19 8.85 8.78
C VAL A 164 0.03 9.53 10.12
N ALA A 165 -0.93 10.44 10.23
CA ALA A 165 -1.11 11.20 11.48
C ALA A 165 -1.16 10.29 12.69
N PRO A 166 -1.93 9.21 12.69
CA PRO A 166 -2.03 8.41 13.93
C PRO A 166 -0.67 7.91 14.39
N PHE A 167 0.27 7.71 13.47
CA PHE A 167 1.54 7.09 13.84
C PHE A 167 2.57 8.13 14.26
N LEU A 168 2.65 9.22 13.51
CA LEU A 168 3.55 10.29 13.92
C LEU A 168 3.07 10.92 15.22
N ALA A 169 1.76 11.03 15.43
CA ALA A 169 1.27 11.64 16.67
C ALA A 169 1.61 10.75 17.86
N ARG A 170 1.53 9.43 17.68
CA ARG A 170 1.90 8.50 18.73
C ARG A 170 3.41 8.49 18.94
N MET A 171 4.20 8.57 17.87
CA MET A 171 5.66 8.65 18.01
C MET A 171 6.07 9.79 18.92
N MET A 172 5.61 11.02 18.61
CA MET A 172 5.95 12.17 19.42
C MET A 172 5.50 11.99 20.86
N LEU A 173 4.29 11.48 21.06
CA LEU A 173 3.79 11.30 22.40
C LEU A 173 4.66 10.32 23.19
N TYR A 174 5.02 9.20 22.57
CA TYR A 174 5.86 8.23 23.26
C TYR A 174 7.22 8.83 23.57
N LEU A 175 7.84 9.50 22.59
CA LEU A 175 9.16 10.07 22.80
C LEU A 175 9.13 11.11 23.90
N ASP A 176 8.16 12.01 23.83
CA ASP A 176 8.01 13.01 24.86
C ASP A 176 7.84 12.34 26.22
N ALA A 177 7.17 11.20 26.24
CA ALA A 177 6.85 10.48 27.48
C ALA A 177 7.93 9.48 27.87
N GLY A 178 8.94 9.28 27.03
CA GLY A 178 9.92 8.23 27.28
C GLY A 178 9.38 6.84 27.24
N LEU A 179 8.23 6.64 26.61
CA LEU A 179 7.76 5.29 26.36
C LEU A 179 8.45 4.69 25.14
N GLY A 180 8.54 3.38 25.14
CA GLY A 180 9.28 2.61 24.16
C GLY A 180 10.23 1.64 24.82
N LYS A 181 10.76 0.75 24.00
CA LYS A 181 11.67 -0.28 24.47
C LYS A 181 13.12 0.06 24.14
N TYR A 182 13.34 1.17 23.44
CA TYR A 182 14.71 1.62 23.19
C TYR A 182 15.45 1.82 24.50
N SER A 183 16.78 1.85 24.39
CA SER A 183 17.61 2.16 25.54
C SER A 183 17.41 3.61 25.95
N GLU A 184 17.77 3.90 27.21
CA GLU A 184 17.77 5.27 27.67
C GLU A 184 18.67 6.15 26.79
N ALA A 185 19.76 5.56 26.27
CA ALA A 185 20.64 6.28 25.36
C ALA A 185 19.96 6.60 24.03
N ASP A 186 19.37 5.58 23.38
CA ASP A 186 18.70 5.81 22.10
C ASP A 186 17.48 6.72 22.27
N GLY A 187 16.83 6.68 23.44
CA GLY A 187 15.74 7.60 23.69
C GLY A 187 16.25 9.03 23.78
N GLU A 188 17.38 9.23 24.47
CA GLU A 188 18.07 10.51 24.46
C GLU A 188 18.41 10.98 23.04
N THR A 189 18.95 10.07 22.22
CA THR A 189 19.33 10.45 20.85
C THR A 189 18.12 10.86 20.02
N MET A 190 16.95 10.29 20.28
CA MET A 190 15.78 10.62 19.47
C MET A 190 15.08 11.88 19.95
N ARG A 191 14.98 12.07 21.28
CA ARG A 191 14.38 13.32 21.78
C ARG A 191 15.17 14.53 21.32
N ALA A 192 16.50 14.41 21.25
CA ALA A 192 17.33 15.52 20.81
C ALA A 192 17.20 15.73 19.30
N ALA A 193 17.11 14.62 18.55
CA ALA A 193 16.97 14.72 17.11
C ALA A 193 15.63 15.36 16.75
N LEU A 194 14.56 14.98 17.45
CA LEU A 194 13.24 15.50 17.08
C LEU A 194 13.13 16.96 17.48
N ALA A 195 13.87 17.38 18.49
CA ALA A 195 13.88 18.78 18.86
C ALA A 195 14.90 19.60 18.07
N SER A 196 15.73 18.95 17.25
CA SER A 196 16.76 19.64 16.50
C SER A 196 16.22 20.11 15.16
N GLU A 197 17.00 21.00 14.53
CA GLU A 197 16.62 21.54 13.23
C GLU A 197 16.46 20.44 12.19
N ARG A 198 17.20 19.34 12.33
CA ARG A 198 17.11 18.27 11.33
C ARG A 198 15.66 17.90 11.09
N PHE A 199 14.87 17.83 12.16
CA PHE A 199 13.49 17.35 12.09
C PHE A 199 12.51 18.49 12.41
N ALA A 200 12.84 19.71 12.06
CA ALA A 200 11.92 20.79 12.34
C ALA A 200 10.69 20.73 11.45
N ARG A 201 10.86 20.39 10.18
CA ARG A 201 9.71 20.34 9.28
C ARG A 201 8.67 19.29 9.72
N ILE A 202 9.14 18.10 10.08
CA ILE A 202 8.24 17.02 10.51
C ILE A 202 7.58 17.36 11.84
N SER A 203 8.29 18.05 12.75
CA SER A 203 7.68 18.42 14.02
C SER A 203 6.52 19.38 13.82
N GLN A 204 6.65 20.29 12.85
CA GLN A 204 5.55 21.19 12.53
C GLN A 204 4.41 20.43 11.85
N TYR A 205 4.75 19.54 10.93
CA TYR A 205 3.77 18.62 10.37
C TYR A 205 2.89 18.05 11.47
N VAL A 206 3.51 17.54 12.53
CA VAL A 206 2.72 16.90 13.58
C VAL A 206 1.87 17.92 14.29
N ARG A 207 2.45 19.08 14.52
CA ARG A 207 1.72 20.18 15.13
C ARG A 207 0.52 20.59 14.29
N ASP A 208 0.70 20.72 12.98
CA ASP A 208 -0.39 21.13 12.12
C ASP A 208 -1.45 20.07 12.05
N ILE A 209 -1.00 18.82 12.06
CA ILE A 209 -1.90 17.67 12.16
C ILE A 209 -2.71 17.71 13.44
N ARG A 210 -2.03 17.89 14.58
CA ARG A 210 -2.70 17.78 15.87
C ARG A 210 -3.72 18.88 16.09
N ALA A 211 -3.65 19.95 15.29
CA ALA A 211 -4.60 21.05 15.33
C ALA A 211 -5.79 20.79 14.42
N ARG A 212 -5.68 19.81 13.56
CA ARG A 212 -6.75 19.50 12.65
C ARG A 212 -7.94 18.91 13.43
N ALA A 213 -9.13 19.42 13.14
CA ALA A 213 -10.31 19.09 13.95
C ALA A 213 -10.57 17.59 13.96
N SER A 214 -10.50 16.96 12.78
CA SER A 214 -10.69 15.53 12.67
C SER A 214 -9.71 14.76 13.54
N PHE A 215 -8.47 15.23 13.63
CA PHE A 215 -7.53 14.59 14.54
C PHE A 215 -7.93 14.82 15.98
N VAL A 216 -8.26 16.06 16.32
CA VAL A 216 -8.60 16.36 17.70
C VAL A 216 -9.71 15.45 18.16
N LYS A 217 -10.75 15.30 17.34
CA LYS A 217 -11.90 14.48 17.72
C LYS A 217 -11.52 13.00 17.83
N SER A 218 -10.64 12.51 16.93
CA SER A 218 -10.35 11.09 16.88
C SER A 218 -9.15 10.72 17.73
N TRP A 219 -8.41 11.72 18.14
CA TRP A 219 -7.42 11.62 19.19
C TRP A 219 -8.13 11.71 20.52
N GLY A 220 -7.72 10.88 21.48
CA GLY A 220 -8.44 10.97 22.73
C GLY A 220 -8.20 12.28 23.47
N GLY A 221 -7.19 13.01 23.08
CA GLY A 221 -6.49 13.88 23.99
C GLY A 221 -5.18 13.21 24.36
N ASP A 222 -4.17 14.01 24.68
CA ASP A 222 -2.90 13.36 24.99
C ASP A 222 -3.06 12.50 26.22
N ASP A 223 -3.85 13.00 27.19
CA ASP A 223 -4.16 12.30 28.44
C ASP A 223 -4.62 10.87 28.17
N VAL A 224 -5.69 10.73 27.41
CA VAL A 224 -6.26 9.41 27.20
C VAL A 224 -5.24 8.52 26.51
N GLN A 225 -4.62 9.02 25.45
CA GLN A 225 -3.62 8.25 24.72
C GLN A 225 -2.45 7.86 25.59
N LEU A 226 -2.10 8.70 26.57
CA LEU A 226 -1.00 8.36 27.46
C LEU A 226 -1.41 7.25 28.41
N GLU A 227 -2.57 7.40 29.03
CA GLU A 227 -3.07 6.35 29.89
C GLU A 227 -3.09 5.04 29.11
N ALA A 228 -3.66 5.06 27.90
CA ALA A 228 -3.57 3.91 26.99
C ALA A 228 -2.14 3.46 26.75
N ALA A 229 -1.26 4.40 26.36
CA ALA A 229 0.11 4.03 26.04
C ALA A 229 0.79 3.30 27.19
N LYS A 230 0.59 3.78 28.43
CA LYS A 230 1.30 3.22 29.57
C LYS A 230 0.70 1.88 30.00
N ALA A 231 -0.29 1.36 29.28
CA ALA A 231 -0.79 0.02 29.51
C ALA A 231 -0.37 -0.94 28.40
N ILE A 232 0.59 -0.56 27.58
CA ILE A 232 1.06 -1.40 26.47
C ILE A 232 2.40 -1.98 26.89
N PRO A 233 2.56 -3.31 26.91
CA PRO A 233 3.83 -3.90 27.36
C PRO A 233 5.01 -3.53 26.50
N MET A 234 4.85 -3.61 25.19
CA MET A 234 5.97 -3.47 24.29
C MET A 234 6.62 -2.10 24.34
N LEU A 235 6.08 -1.17 25.13
CA LEU A 235 6.66 0.15 25.34
C LEU A 235 7.60 0.20 26.53
N ARG A 236 7.91 -0.94 27.17
CA ARG A 236 8.81 -0.94 28.33
C ARG A 236 10.18 -1.60 28.10
N CYS B 3 -7.63 11.12 -22.17
CA CYS B 3 -6.38 11.85 -21.92
C CYS B 3 -5.59 12.26 -23.16
N THR B 4 -5.03 13.47 -23.12
CA THR B 4 -4.20 13.97 -24.20
C THR B 4 -2.76 14.18 -23.78
N GLU B 5 -2.49 14.22 -22.49
CA GLU B 5 -1.13 14.38 -22.01
C GLU B 5 -0.31 13.20 -22.50
N GLN B 6 0.99 13.42 -22.68
CA GLN B 6 1.88 12.33 -23.05
C GLN B 6 2.12 11.47 -21.83
N ILE B 7 2.17 10.17 -22.03
CA ILE B 7 2.48 9.24 -20.95
C ILE B 7 3.71 8.44 -21.36
N THR B 8 4.70 8.43 -20.49
CA THR B 8 5.88 7.61 -20.69
C THR B 8 6.14 6.80 -19.45
N LEU B 9 6.30 5.49 -19.59
CA LEU B 9 6.59 4.66 -18.43
C LEU B 9 8.04 4.25 -18.51
N TYR B 10 8.76 4.47 -17.42
CA TYR B 10 10.15 4.07 -17.28
C TYR B 10 10.19 2.89 -16.33
N THR B 11 10.87 1.83 -16.73
CA THR B 11 11.07 0.71 -15.84
C THR B 11 12.41 0.12 -16.22
N THR B 12 13.06 -0.57 -15.27
CA THR B 12 14.08 -1.49 -15.71
C THR B 12 13.50 -2.76 -16.31
N THR B 13 14.29 -3.38 -17.16
CA THR B 13 13.71 -4.38 -18.02
C THR B 13 13.06 -5.44 -17.14
N PHE B 14 12.07 -6.10 -17.70
CA PHE B 14 11.31 -7.12 -16.99
C PHE B 14 11.21 -7.02 -15.47
N SER B 15 11.01 -5.81 -15.00
CA SER B 15 10.79 -5.50 -13.59
C SER B 15 9.32 -5.83 -13.31
N PRO B 16 9.00 -6.59 -12.27
CA PRO B 16 7.58 -6.85 -12.02
C PRO B 16 6.86 -5.63 -11.50
N TYR B 17 7.58 -4.74 -10.83
CA TYR B 17 6.91 -3.53 -10.38
C TYR B 17 6.50 -2.70 -11.60
N GLY B 18 7.43 -2.51 -12.54
CA GLY B 18 7.08 -1.86 -13.80
C GLY B 18 6.10 -2.65 -14.63
N HIS B 19 6.14 -3.97 -14.52
CA HIS B 19 5.16 -4.77 -15.23
C HIS B 19 3.75 -4.43 -14.77
N ARG B 20 3.58 -4.12 -13.47
CA ARG B 20 2.29 -3.65 -12.96
C ARG B 20 1.75 -2.51 -13.78
N ALA B 21 2.57 -1.46 -13.90
CA ALA B 21 2.13 -0.24 -14.57
C ALA B 21 1.95 -0.49 -16.04
N HIS B 22 2.75 -1.41 -16.59
CA HIS B 22 2.62 -1.77 -18.00
C HIS B 22 1.29 -2.41 -18.27
N ILE B 23 0.86 -3.31 -17.39
CA ILE B 23 -0.43 -3.96 -17.52
C ILE B 23 -1.52 -2.91 -17.51
N ALA B 24 -1.41 -1.93 -16.60
CA ALA B 24 -2.50 -0.97 -16.45
C ALA B 24 -2.58 -0.06 -17.66
N LEU B 25 -1.43 0.32 -18.23
CA LEU B 25 -1.48 1.17 -19.41
C LEU B 25 -2.07 0.42 -20.60
N GLU B 26 -1.76 -0.87 -20.73
CA GLU B 26 -2.39 -1.69 -21.76
C GLU B 26 -3.89 -1.81 -21.51
N GLU B 27 -4.26 -2.21 -20.27
CA GLU B 27 -5.67 -2.27 -19.91
C GLU B 27 -6.39 -0.95 -20.13
N ALA B 28 -5.67 0.16 -19.98
CA ALA B 28 -6.30 1.47 -20.05
C ALA B 28 -6.53 1.92 -21.49
N GLY B 29 -6.01 1.20 -22.48
CA GLY B 29 -5.98 1.75 -23.82
C GLY B 29 -5.12 2.98 -23.98
N ALA B 30 -4.15 3.17 -23.10
CA ALA B 30 -3.41 4.43 -23.10
C ALA B 30 -2.49 4.54 -24.31
N GLU B 31 -2.32 5.78 -24.78
CA GLU B 31 -1.24 6.11 -25.69
C GLU B 31 -0.03 6.42 -24.83
N TYR B 32 0.98 5.56 -24.88
CA TYR B 32 2.11 5.77 -24.01
C TYR B 32 3.38 5.30 -24.67
N THR B 33 4.47 5.89 -24.23
CA THR B 33 5.80 5.45 -24.57
C THR B 33 6.32 4.49 -23.50
N LEU B 34 7.04 3.47 -23.94
CA LEU B 34 7.67 2.52 -23.04
C LEU B 34 9.16 2.69 -23.22
N CYS B 35 9.87 2.80 -22.11
CA CYS B 35 11.31 3.01 -22.07
C CYS B 35 11.86 2.02 -21.08
N GLN B 36 12.59 1.02 -21.57
CA GLN B 36 13.22 0.13 -20.62
C GLN B 36 14.67 0.52 -20.44
N ILE B 37 15.19 0.14 -19.27
CA ILE B 37 16.57 0.42 -18.87
C ILE B 37 17.19 -0.90 -18.51
N ASN B 38 18.43 -1.10 -18.95
CA ASN B 38 19.08 -2.37 -18.70
C ASN B 38 19.41 -2.47 -17.21
N VAL B 39 18.79 -3.44 -16.54
CA VAL B 39 18.94 -3.59 -15.08
C VAL B 39 20.40 -3.51 -14.68
N HIS B 40 21.27 -4.23 -15.41
CA HIS B 40 22.62 -4.46 -14.95
C HIS B 40 23.58 -3.32 -15.30
N ARG B 41 23.24 -2.50 -16.30
CA ARG B 41 23.92 -1.22 -16.53
C ARG B 41 23.64 -0.31 -15.34
N ASP B 42 24.24 0.88 -15.32
CA ASP B 42 24.20 1.74 -14.14
C ASP B 42 22.98 2.66 -14.08
N LYS B 43 22.16 2.69 -15.14
CA LYS B 43 21.16 3.72 -15.37
C LYS B 43 21.83 4.97 -15.96
N PRO B 44 21.38 5.41 -17.12
CA PRO B 44 22.03 6.55 -17.75
C PRO B 44 21.97 7.78 -16.86
N GLU B 45 22.96 8.65 -17.06
CA GLU B 45 23.03 9.89 -16.31
C GLU B 45 21.72 10.65 -16.45
N TRP B 46 21.12 10.67 -17.65
CA TRP B 46 19.91 11.46 -17.83
C TRP B 46 18.79 10.99 -16.91
N TYR B 47 18.85 9.76 -16.41
CA TYR B 47 17.69 9.24 -15.71
C TYR B 47 17.40 9.98 -14.42
N LYS B 48 18.40 10.63 -13.83
CA LYS B 48 18.14 11.40 -12.62
C LYS B 48 17.17 12.55 -12.89
N ARG B 49 16.97 12.92 -14.15
CA ARG B 49 15.92 13.90 -14.47
C ARG B 49 14.55 13.28 -14.37
N VAL B 50 14.44 11.96 -14.55
CA VAL B 50 13.18 11.29 -14.23
C VAL B 50 13.02 11.17 -12.72
N ASN B 51 14.07 10.72 -12.00
CA ASN B 51 13.96 10.56 -10.55
C ASN B 51 15.38 10.67 -9.95
N PRO B 52 15.67 11.71 -9.14
CA PRO B 52 17.07 11.86 -8.66
C PRO B 52 17.65 10.68 -7.91
N LEU B 53 16.82 9.87 -7.27
CA LEU B 53 17.27 8.72 -6.49
C LEU B 53 17.38 7.45 -7.32
N GLY B 54 17.07 7.50 -8.61
CA GLY B 54 17.07 6.29 -9.40
C GLY B 54 15.95 5.31 -9.09
N LYS B 55 14.86 5.79 -8.49
CA LYS B 55 13.74 4.91 -8.13
C LYS B 55 13.01 4.45 -9.38
N VAL B 56 12.64 3.18 -9.37
CA VAL B 56 11.95 2.61 -10.50
C VAL B 56 10.96 1.50 -10.11
N PRO B 57 9.79 1.46 -10.80
CA PRO B 57 9.34 2.21 -11.99
C PRO B 57 9.00 3.68 -11.76
N ALA B 58 8.86 4.43 -12.87
CA ALA B 58 8.47 5.83 -12.85
C ALA B 58 7.67 6.15 -14.10
N ILE B 59 6.81 7.16 -13.99
CA ILE B 59 6.02 7.69 -15.11
C ILE B 59 6.32 9.17 -15.29
N THR B 60 6.55 9.60 -16.52
CA THR B 60 6.45 11.01 -16.84
C THR B 60 5.11 11.29 -17.51
N PHE B 61 4.56 12.47 -17.25
CA PHE B 61 3.19 12.75 -17.64
C PHE B 61 3.08 14.21 -18.05
N GLY B 62 2.53 14.45 -19.25
CA GLY B 62 2.50 15.79 -19.73
C GLY B 62 3.90 16.21 -20.19
N GLY B 63 4.01 17.50 -20.47
CA GLY B 63 5.17 18.08 -21.11
C GLY B 63 5.19 17.83 -22.60
N PRO B 64 6.24 18.30 -23.27
CA PRO B 64 6.34 18.08 -24.71
C PRO B 64 6.59 16.62 -25.02
N GLN B 65 6.20 16.19 -26.23
CA GLN B 65 6.68 14.90 -26.71
C GLN B 65 8.20 14.94 -26.80
N VAL B 66 8.85 13.99 -26.15
CA VAL B 66 10.31 13.95 -26.13
C VAL B 66 10.74 12.51 -26.19
N PRO B 67 11.94 12.25 -26.71
CA PRO B 67 12.48 10.90 -26.58
C PRO B 67 12.73 10.59 -25.11
N PRO B 68 12.47 9.37 -24.68
CA PRO B 68 12.54 9.08 -23.24
C PRO B 68 13.89 9.41 -22.64
N ASP B 69 14.94 9.18 -23.37
CA ASP B 69 16.28 9.49 -22.89
C ASP B 69 16.59 11.00 -22.89
N GLU B 70 15.58 11.84 -23.17
CA GLU B 70 15.71 13.30 -23.07
C GLU B 70 14.49 13.78 -22.31
N PRO B 71 14.30 13.31 -21.08
CA PRO B 71 13.10 13.71 -20.32
C PRO B 71 12.95 15.22 -20.15
N SER B 72 11.70 15.73 -20.35
CA SER B 72 11.56 17.15 -20.16
C SER B 72 11.52 17.46 -18.67
N PRO B 73 12.11 18.56 -18.22
CA PRO B 73 11.83 19.02 -16.84
C PRO B 73 10.36 19.41 -16.61
N GLU B 74 9.60 19.64 -17.68
CA GLU B 74 8.22 20.10 -17.52
C GLU B 74 7.25 18.99 -17.15
N SER B 75 7.59 17.75 -17.44
CA SER B 75 6.62 16.68 -17.29
C SER B 75 6.55 16.35 -15.80
N GLU B 76 5.37 15.91 -15.33
CA GLU B 76 5.28 15.43 -13.96
C GLU B 76 5.85 14.02 -13.90
N LYS B 77 6.69 13.76 -12.90
CA LYS B 77 7.37 12.49 -12.70
C LYS B 77 6.79 11.82 -11.47
N LEU B 78 6.48 10.53 -11.59
CA LEU B 78 5.74 9.82 -10.55
C LEU B 78 6.33 8.45 -10.32
N VAL B 79 6.33 8.02 -9.06
CA VAL B 79 6.93 6.75 -8.68
C VAL B 79 6.01 6.05 -7.69
N GLU B 80 6.44 4.85 -7.28
CA GLU B 80 5.68 3.95 -6.41
C GLU B 80 4.62 3.18 -7.18
N SER B 81 4.94 1.91 -7.43
CA SER B 81 4.22 1.13 -8.42
C SER B 81 2.70 1.10 -8.16
N LEU B 82 2.30 0.89 -6.91
CA LEU B 82 0.86 0.82 -6.67
C LEU B 82 0.19 2.18 -6.81
N ALA B 83 0.91 3.26 -6.55
CA ALA B 83 0.35 4.56 -6.85
C ALA B 83 0.27 4.80 -8.34
N LEU B 84 1.20 4.23 -9.10
CA LEU B 84 1.12 4.33 -10.55
C LEU B 84 -0.10 3.60 -11.10
N LEU B 85 -0.46 2.45 -10.52
CA LEU B 85 -1.69 1.77 -10.95
C LEU B 85 -2.90 2.65 -10.72
N GLU B 86 -3.03 3.16 -9.48
CA GLU B 86 -4.14 4.03 -9.10
C GLU B 86 -4.14 5.26 -10.00
N PHE B 87 -2.94 5.74 -10.34
CA PHE B 87 -2.80 6.90 -11.21
C PHE B 87 -3.42 6.65 -12.57
N VAL B 88 -3.05 5.55 -13.22
CA VAL B 88 -3.62 5.21 -14.51
C VAL B 88 -5.13 5.13 -14.39
N ALA B 89 -5.62 4.46 -13.35
CA ALA B 89 -7.06 4.37 -13.15
C ALA B 89 -7.68 5.78 -13.10
N ASP B 90 -7.06 6.73 -12.40
CA ASP B 90 -7.61 8.08 -12.32
C ASP B 90 -7.54 8.81 -13.66
N VAL B 91 -6.47 8.61 -14.42
CA VAL B 91 -6.36 9.27 -15.72
C VAL B 91 -7.35 8.67 -16.71
N PHE B 92 -7.64 7.38 -16.59
CA PHE B 92 -8.53 6.71 -17.53
C PHE B 92 -9.74 6.13 -16.81
N PRO B 93 -10.56 6.97 -16.21
CA PRO B 93 -11.71 6.45 -15.48
C PRO B 93 -12.59 5.59 -16.36
N GLU B 94 -12.59 5.86 -17.66
CA GLU B 94 -13.48 5.18 -18.59
C GLU B 94 -13.07 3.74 -18.82
N ALA B 95 -11.83 3.40 -18.50
CA ALA B 95 -11.41 2.02 -18.60
C ALA B 95 -11.78 1.15 -17.42
N LYS B 96 -12.35 1.70 -16.34
CA LYS B 96 -12.83 0.88 -15.22
C LYS B 96 -11.71 -0.08 -14.77
N LEU B 97 -10.51 0.47 -14.56
CA LEU B 97 -9.39 -0.32 -14.06
C LEU B 97 -9.67 -0.77 -12.65
N LEU B 98 -10.58 -0.06 -12.01
CA LEU B 98 -11.17 -0.53 -10.78
C LEU B 98 -12.66 -0.63 -11.08
N PRO B 99 -13.36 -1.37 -10.34
CA PRO B 99 -14.80 -1.44 -10.52
C PRO B 99 -15.46 -0.15 -10.08
N ALA B 100 -16.77 -0.03 -10.24
CA ALA B 100 -17.43 1.26 -10.17
C ALA B 100 -17.80 1.63 -8.75
N SER B 101 -18.31 0.70 -8.00
CA SER B 101 -18.78 1.01 -6.67
C SER B 101 -17.62 1.09 -5.67
N PRO B 102 -17.77 1.92 -4.65
CA PRO B 102 -16.72 2.02 -3.62
C PRO B 102 -16.43 0.71 -2.92
N VAL B 103 -17.45 -0.12 -2.67
CA VAL B 103 -17.24 -1.39 -1.98
C VAL B 103 -16.35 -2.31 -2.80
N GLN B 104 -16.65 -2.45 -4.09
CA GLN B 104 -15.85 -3.34 -4.92
C GLN B 104 -14.43 -2.82 -5.05
N ARG B 105 -14.31 -1.50 -5.17
CA ARG B 105 -12.98 -0.88 -5.20
C ARG B 105 -12.24 -1.16 -3.91
N ALA B 106 -12.94 -1.14 -2.77
CA ALA B 106 -12.26 -1.43 -1.51
C ALA B 106 -11.75 -2.87 -1.48
N ARG B 107 -12.50 -3.80 -2.06
CA ARG B 107 -12.04 -5.20 -2.06
C ARG B 107 -10.89 -5.40 -3.02
N ALA B 108 -10.89 -4.73 -4.17
CA ALA B 108 -9.74 -4.82 -5.04
C ALA B 108 -8.49 -4.33 -4.31
N ARG B 109 -8.63 -3.25 -3.56
CA ARG B 109 -7.46 -2.73 -2.87
C ARG B 109 -7.11 -3.67 -1.73
N ALA B 110 -8.11 -4.17 -1.01
CA ALA B 110 -7.85 -5.15 0.05
C ALA B 110 -7.09 -6.36 -0.46
N PHE B 111 -7.44 -6.83 -1.65
CA PHE B 111 -6.76 -7.99 -2.21
C PHE B 111 -5.30 -7.70 -2.45
N ILE B 112 -5.02 -6.51 -2.95
CA ILE B 112 -3.63 -6.12 -3.11
C ILE B 112 -2.95 -6.11 -1.75
N ALA B 113 -3.66 -5.64 -0.74
CA ALA B 113 -3.07 -5.59 0.59
C ALA B 113 -2.80 -6.99 1.11
N ILE B 114 -3.67 -7.94 0.79
CA ILE B 114 -3.39 -9.31 1.21
C ILE B 114 -2.08 -9.74 0.61
N TYR B 115 -1.88 -9.42 -0.67
CA TYR B 115 -0.65 -9.78 -1.35
C TYR B 115 0.51 -9.08 -0.70
N GLN B 116 0.37 -7.79 -0.47
CA GLN B 116 1.47 -6.98 0.06
C GLN B 116 1.82 -7.47 1.46
N ASN B 117 0.81 -7.73 2.27
CA ASN B 117 1.04 -7.98 3.70
C ASN B 117 1.44 -9.41 3.97
N TYR B 118 1.12 -10.33 3.08
CA TYR B 118 1.33 -11.73 3.37
C TYR B 118 2.20 -12.42 2.35
N LEU B 119 2.01 -12.14 1.07
CA LEU B 119 2.72 -12.96 0.10
C LEU B 119 3.97 -12.28 -0.44
N HIS B 120 3.92 -10.97 -0.62
CA HIS B 120 4.99 -10.28 -1.33
C HIS B 120 6.35 -10.54 -0.68
N ASP B 121 6.41 -10.50 0.65
CA ASP B 121 7.68 -10.65 1.35
C ASP B 121 8.15 -12.10 1.27
N GLN B 122 7.23 -13.06 1.34
CA GLN B 122 7.62 -14.45 1.28
C GLN B 122 8.05 -14.91 -0.11
N PHE B 123 7.67 -14.20 -1.18
N PHE B 123 7.62 -14.21 -1.17
CA PHE B 123 8.28 -14.47 -2.49
CA PHE B 123 8.25 -14.37 -2.48
C PHE B 123 9.77 -14.08 -2.48
C PHE B 123 9.76 -14.15 -2.38
N ARG B 124 10.15 -13.06 -1.72
CA ARG B 124 11.56 -12.76 -1.59
C ARG B 124 12.25 -13.61 -0.53
N ASP B 125 11.61 -13.86 0.64
CA ASP B 125 12.25 -14.79 1.58
C ASP B 125 12.52 -16.12 0.89
N ALA B 126 11.51 -16.70 0.25
CA ALA B 126 11.65 -18.04 -0.29
C ALA B 126 12.49 -18.12 -1.57
N PHE B 127 12.34 -17.15 -2.50
CA PHE B 127 13.02 -17.25 -3.81
C PHE B 127 14.35 -16.51 -3.89
N PHE B 128 14.65 -15.56 -2.99
CA PHE B 128 15.87 -14.77 -3.10
C PHE B 128 16.74 -14.85 -1.86
N ARG B 129 16.18 -15.21 -0.71
CA ARG B 129 16.92 -15.33 0.53
C ARG B 129 16.98 -16.78 1.02
N GLY B 130 16.47 -17.73 0.24
CA GLY B 130 16.43 -19.15 0.60
C GLY B 130 15.89 -19.53 1.96
N GLU B 131 14.93 -18.80 2.49
CA GLU B 131 14.41 -19.11 3.80
C GLU B 131 13.39 -20.24 3.69
N PRO B 132 13.02 -20.84 4.82
CA PRO B 132 11.95 -21.84 4.82
C PRO B 132 10.73 -21.42 4.03
N VAL B 133 10.25 -22.33 3.19
CA VAL B 133 9.18 -22.04 2.23
C VAL B 133 7.81 -22.12 2.86
N GLY B 134 7.70 -22.71 4.04
CA GLY B 134 6.39 -22.94 4.62
C GLY B 134 5.54 -21.67 4.58
N PRO B 135 6.08 -20.55 5.11
CA PRO B 135 5.26 -19.33 5.15
C PRO B 135 4.86 -18.81 3.78
N PHE B 136 5.74 -18.97 2.78
CA PHE B 136 5.37 -18.65 1.41
C PHE B 136 4.11 -19.41 1.00
N LEU B 137 4.15 -20.73 1.15
CA LEU B 137 2.97 -21.51 0.76
C LEU B 137 1.74 -21.10 1.54
N GLN B 138 1.92 -20.75 2.82
CA GLN B 138 0.78 -20.34 3.62
C GLN B 138 0.22 -19.00 3.18
N ALA B 139 1.09 -18.05 2.80
CA ALA B 139 0.59 -16.78 2.33
C ALA B 139 -0.07 -16.94 0.98
N LEU B 140 0.47 -17.82 0.17
CA LEU B 140 -0.17 -18.13 -1.10
C LEU B 140 -1.56 -18.68 -0.86
N GLU B 141 -1.71 -19.57 0.12
CA GLU B 141 -3.05 -20.05 0.44
C GLU B 141 -3.92 -18.90 0.90
N THR B 142 -3.34 -17.96 1.69
CA THR B 142 -4.12 -16.86 2.26
C THR B 142 -4.63 -15.94 1.17
N LEU B 143 -3.77 -15.57 0.24
CA LEU B 143 -4.22 -14.86 -0.94
C LEU B 143 -5.24 -15.66 -1.73
N GLN B 144 -5.00 -16.95 -1.91
CA GLN B 144 -5.93 -17.76 -2.69
C GLN B 144 -7.33 -17.72 -2.11
N SER B 145 -7.44 -17.75 -0.78
CA SER B 145 -8.73 -17.81 -0.12
C SER B 145 -9.54 -16.53 -0.33
N ALA B 146 -8.89 -15.42 -0.66
CA ALA B 146 -9.60 -14.17 -0.94
C ALA B 146 -10.11 -14.11 -2.36
N LEU B 147 -9.85 -15.13 -3.18
CA LEU B 147 -10.38 -15.14 -4.52
C LEU B 147 -11.81 -15.68 -4.50
N PRO B 148 -12.66 -15.18 -5.39
CA PRO B 148 -13.93 -15.84 -5.61
C PRO B 148 -13.71 -17.14 -6.34
N PRO B 149 -14.71 -18.02 -6.37
CA PRO B 149 -14.50 -19.34 -6.97
C PRO B 149 -14.08 -19.30 -8.45
N ALA B 150 -14.49 -18.31 -9.21
CA ALA B 150 -14.00 -18.14 -10.57
C ALA B 150 -13.64 -16.67 -10.79
N GLY B 151 -13.08 -16.38 -11.95
CA GLY B 151 -12.79 -15.01 -12.33
C GLY B 151 -11.64 -14.43 -11.54
N PHE B 152 -11.62 -13.09 -11.50
CA PHE B 152 -10.53 -12.41 -10.83
C PHE B 152 -10.94 -11.93 -9.45
N ALA B 153 -10.04 -11.17 -8.82
CA ALA B 153 -10.16 -10.90 -7.39
C ALA B 153 -11.49 -10.26 -7.03
N VAL B 154 -11.99 -9.32 -7.83
CA VAL B 154 -13.28 -8.73 -7.55
C VAL B 154 -14.20 -9.02 -8.72
N GLY B 155 -14.02 -10.18 -9.34
CA GLY B 155 -14.84 -10.52 -10.47
C GLY B 155 -14.14 -10.12 -11.74
N GLU B 156 -14.47 -8.94 -12.24
CA GLU B 156 -13.78 -8.43 -13.41
C GLU B 156 -12.34 -8.03 -13.09
N TRP B 157 -11.48 -8.21 -14.08
CA TRP B 157 -10.08 -7.80 -13.98
CA TRP B 157 -10.08 -7.82 -13.97
C TRP B 157 -9.98 -6.42 -13.39
N SER B 158 -9.00 -6.21 -12.52
CA SER B 158 -8.86 -4.93 -11.83
C SER B 158 -7.40 -4.65 -11.56
N LEU B 159 -7.13 -3.54 -10.88
CA LEU B 159 -5.73 -3.24 -10.52
C LEU B 159 -5.17 -4.33 -9.60
N ALA B 160 -6.02 -5.02 -8.86
CA ALA B 160 -5.56 -6.18 -8.10
C ALA B 160 -4.70 -7.06 -8.97
N GLU B 161 -5.19 -7.38 -10.17
CA GLU B 161 -4.43 -8.25 -11.04
C GLU B 161 -3.19 -7.55 -11.54
N ALA B 162 -3.32 -6.30 -11.98
CA ALA B 162 -2.12 -5.54 -12.33
C ALA B 162 -1.12 -5.62 -11.19
N ALA B 163 -1.62 -5.53 -9.96
CA ALA B 163 -0.73 -5.53 -8.82
C ALA B 163 -0.10 -6.89 -8.61
N VAL B 164 -0.87 -7.97 -8.71
CA VAL B 164 -0.35 -9.24 -8.23
C VAL B 164 0.14 -10.13 -9.39
N ALA B 165 -0.43 -9.96 -10.58
CA ALA B 165 -0.06 -10.79 -11.72
C ALA B 165 1.45 -10.85 -11.97
N PRO B 166 2.19 -9.73 -12.04
CA PRO B 166 3.61 -9.85 -12.38
C PRO B 166 4.37 -10.73 -11.43
N PHE B 167 3.91 -10.82 -10.20
CA PHE B 167 4.63 -11.52 -9.17
C PHE B 167 4.23 -12.98 -9.15
N LEU B 168 2.92 -13.25 -9.25
CA LEU B 168 2.46 -14.63 -9.34
C LEU B 168 2.94 -15.30 -10.62
N ALA B 169 3.01 -14.55 -11.71
CA ALA B 169 3.46 -15.14 -12.95
C ALA B 169 4.93 -15.52 -12.89
N ARG B 170 5.76 -14.72 -12.23
CA ARG B 170 7.17 -15.09 -12.11
C ARG B 170 7.34 -16.27 -11.17
N MET B 171 6.56 -16.32 -10.10
CA MET B 171 6.66 -17.46 -9.20
C MET B 171 6.47 -18.77 -9.94
N MET B 172 5.36 -18.91 -10.68
CA MET B 172 5.20 -20.15 -11.42
C MET B 172 6.33 -20.35 -12.39
N LEU B 173 6.72 -19.30 -13.09
CA LEU B 173 7.78 -19.46 -14.06
C LEU B 173 9.07 -19.90 -13.38
N TYR B 174 9.39 -19.26 -12.26
CA TYR B 174 10.58 -19.64 -11.51
C TYR B 174 10.44 -21.08 -11.00
N LEU B 175 9.27 -21.39 -10.45
CA LEU B 175 9.06 -22.71 -9.87
C LEU B 175 9.17 -23.80 -10.93
N ASP B 176 8.50 -23.60 -12.06
CA ASP B 176 8.61 -24.57 -13.15
C ASP B 176 10.06 -24.76 -13.55
N ALA B 177 10.85 -23.70 -13.48
CA ALA B 177 12.22 -23.73 -13.94
C ALA B 177 13.23 -24.14 -12.87
N GLY B 178 12.79 -24.32 -11.62
CA GLY B 178 13.76 -24.56 -10.55
C GLY B 178 14.70 -23.43 -10.23
N LEU B 179 14.34 -22.20 -10.60
CA LEU B 179 15.09 -21.03 -10.15
C LEU B 179 14.69 -20.65 -8.74
N GLY B 180 15.61 -19.99 -8.05
CA GLY B 180 15.47 -19.67 -6.64
C GLY B 180 16.66 -20.13 -5.85
N LYS B 181 16.70 -19.66 -4.60
CA LYS B 181 17.79 -19.96 -3.67
C LYS B 181 17.37 -21.01 -2.67
N TYR B 182 16.11 -21.44 -2.72
CA TYR B 182 15.63 -22.53 -1.91
C TYR B 182 16.42 -23.80 -2.14
N SER B 183 16.32 -24.71 -1.19
CA SER B 183 16.90 -26.04 -1.33
C SER B 183 16.16 -26.83 -2.41
N GLU B 184 16.82 -27.86 -2.94
CA GLU B 184 16.13 -28.79 -3.87
C GLU B 184 14.91 -29.43 -3.22
N ALA B 185 14.98 -29.66 -1.91
CA ALA B 185 13.86 -30.23 -1.17
C ALA B 185 12.68 -29.27 -1.16
N ASP B 186 12.91 -28.02 -0.77
CA ASP B 186 11.82 -27.06 -0.75
C ASP B 186 11.31 -26.75 -2.15
N GLY B 187 12.16 -26.81 -3.18
CA GLY B 187 11.62 -26.62 -4.53
C GLY B 187 10.70 -27.75 -4.97
N GLU B 188 11.09 -29.00 -4.73
CA GLU B 188 10.19 -30.13 -4.92
C GLU B 188 8.90 -29.92 -4.13
N THR B 189 9.05 -29.51 -2.86
CA THR B 189 7.89 -29.30 -2.01
C THR B 189 6.99 -28.20 -2.56
N MET B 190 7.56 -27.18 -3.24
CA MET B 190 6.72 -26.10 -3.74
C MET B 190 6.09 -26.48 -5.07
N ARG B 191 6.83 -27.16 -5.94
CA ARG B 191 6.24 -27.65 -7.19
C ARG B 191 5.10 -28.62 -6.90
N ALA B 192 5.24 -29.43 -5.84
CA ALA B 192 4.21 -30.42 -5.49
C ALA B 192 2.97 -29.75 -4.92
N ALA B 193 3.15 -28.71 -4.12
CA ALA B 193 1.99 -28.03 -3.55
C ALA B 193 1.18 -27.36 -4.66
N LEU B 194 1.88 -26.73 -5.60
CA LEU B 194 1.23 -25.95 -6.66
C LEU B 194 0.51 -26.84 -7.67
N ALA B 195 0.96 -28.09 -7.82
CA ALA B 195 0.25 -29.01 -8.70
C ALA B 195 -0.89 -29.74 -7.99
N SER B 196 -1.06 -29.54 -6.68
CA SER B 196 -2.10 -30.21 -5.92
C SER B 196 -3.40 -29.40 -5.91
N GLU B 197 -4.47 -30.08 -5.50
CA GLU B 197 -5.79 -29.47 -5.42
C GLU B 197 -5.79 -28.29 -4.46
N ARG B 198 -4.93 -28.32 -3.43
CA ARG B 198 -4.87 -27.22 -2.49
C ARG B 198 -4.72 -25.90 -3.24
N PHE B 199 -3.88 -25.89 -4.27
CA PHE B 199 -3.59 -24.66 -4.98
C PHE B 199 -4.13 -24.67 -6.40
N ALA B 200 -5.26 -25.35 -6.59
CA ALA B 200 -5.88 -25.37 -7.91
C ALA B 200 -6.46 -24.00 -8.22
N ARG B 201 -7.06 -23.37 -7.20
CA ARG B 201 -7.66 -22.07 -7.41
C ARG B 201 -6.61 -21.06 -7.81
N ILE B 202 -5.50 -21.03 -7.06
CA ILE B 202 -4.44 -20.07 -7.39
C ILE B 202 -3.83 -20.44 -8.72
N SER B 203 -3.74 -21.74 -9.03
CA SER B 203 -3.21 -22.16 -10.32
C SER B 203 -4.14 -21.71 -11.43
N GLN B 204 -5.46 -21.73 -11.16
CA GLN B 204 -6.39 -21.24 -12.16
C GLN B 204 -6.32 -19.74 -12.29
N TYR B 205 -6.21 -19.04 -11.17
CA TYR B 205 -6.08 -17.59 -11.17
C TYR B 205 -4.81 -17.25 -12.11
N VAL B 206 -3.67 -17.93 -11.96
CA VAL B 206 -2.50 -17.56 -12.76
C VAL B 206 -2.69 -17.86 -14.24
N ARG B 207 -3.30 -19.01 -14.59
CA ARG B 207 -3.55 -19.27 -16.00
C ARG B 207 -4.42 -18.18 -16.61
N ASP B 208 -5.47 -17.79 -15.89
CA ASP B 208 -6.38 -16.78 -16.42
C ASP B 208 -5.70 -15.43 -16.53
N ILE B 209 -4.81 -15.13 -15.58
CA ILE B 209 -4.00 -13.92 -15.70
C ILE B 209 -3.17 -13.96 -16.98
N ARG B 210 -2.46 -15.06 -17.20
CA ARG B 210 -1.55 -15.18 -18.33
C ARG B 210 -2.29 -15.18 -19.66
N ALA B 211 -3.61 -15.41 -19.64
CA ALA B 211 -4.38 -15.38 -20.87
C ALA B 211 -4.90 -14.00 -21.21
N ARG B 212 -4.84 -13.08 -20.26
CA ARG B 212 -5.30 -11.72 -20.47
C ARG B 212 -4.38 -10.99 -21.43
N ALA B 213 -4.98 -10.29 -22.39
CA ALA B 213 -4.18 -9.71 -23.45
C ALA B 213 -3.17 -8.73 -22.90
N SER B 214 -3.59 -7.87 -21.97
CA SER B 214 -2.69 -6.89 -21.37
C SER B 214 -1.50 -7.54 -20.70
N PHE B 215 -1.68 -8.70 -20.06
CA PHE B 215 -0.54 -9.40 -19.51
C PHE B 215 0.39 -9.95 -20.60
N VAL B 216 -0.18 -10.61 -21.63
CA VAL B 216 0.63 -11.22 -22.69
C VAL B 216 1.57 -10.20 -23.34
N LYS B 217 1.02 -9.04 -23.68
CA LYS B 217 1.79 -8.01 -24.39
C LYS B 217 2.92 -7.50 -23.51
N SER B 218 2.68 -7.38 -22.19
CA SER B 218 3.64 -6.77 -21.25
C SER B 218 4.56 -7.80 -20.59
N TRP B 219 4.24 -9.10 -20.73
CA TRP B 219 5.13 -10.21 -20.39
C TRP B 219 6.18 -10.52 -21.45
N GLY B 220 5.82 -10.49 -22.73
CA GLY B 220 6.77 -10.78 -23.79
C GLY B 220 6.86 -12.23 -24.22
N GLY B 221 6.35 -13.18 -23.45
CA GLY B 221 6.75 -14.59 -23.44
C GLY B 221 7.63 -15.06 -22.29
N ASP B 222 7.45 -16.33 -21.94
CA ASP B 222 8.15 -16.95 -20.83
C ASP B 222 9.67 -17.06 -21.04
N ASP B 223 10.10 -17.38 -22.28
CA ASP B 223 11.52 -17.50 -22.62
C ASP B 223 12.30 -16.27 -22.17
N VAL B 224 11.91 -15.09 -22.65
CA VAL B 224 12.67 -13.88 -22.36
C VAL B 224 12.70 -13.67 -20.85
N GLN B 225 11.54 -13.79 -20.20
CA GLN B 225 11.53 -13.64 -18.74
C GLN B 225 12.44 -14.67 -18.09
N LEU B 226 12.58 -15.86 -18.68
CA LEU B 226 13.46 -16.86 -18.09
C LEU B 226 14.91 -16.45 -18.28
N GLU B 227 15.26 -16.07 -19.50
CA GLU B 227 16.60 -15.54 -19.74
C GLU B 227 16.91 -14.39 -18.81
N ALA B 228 15.99 -13.41 -18.72
CA ALA B 228 16.13 -12.34 -17.73
C ALA B 228 16.35 -12.87 -16.32
N ALA B 229 15.48 -13.77 -15.86
CA ALA B 229 15.60 -14.29 -14.49
C ALA B 229 16.99 -14.87 -14.21
N LYS B 230 17.54 -15.63 -15.17
CA LYS B 230 18.81 -16.33 -14.98
C LYS B 230 20.01 -15.39 -15.07
N ALA B 231 19.77 -14.08 -15.18
CA ALA B 231 20.84 -13.09 -15.08
C ALA B 231 20.78 -12.31 -13.77
N ILE B 232 20.02 -12.79 -12.80
CA ILE B 232 19.88 -12.12 -11.51
C ILE B 232 20.73 -12.89 -10.51
#